data_8A5U
#
_entry.id   8A5U
#
_cell.length_a   50.998
_cell.length_b   66.772
_cell.length_c   73.591
_cell.angle_alpha   90.000
_cell.angle_beta   90.000
_cell.angle_gamma   90.000
#
_symmetry.space_group_name_H-M   'P 21 21 2'
#
loop_
_entity.id
_entity.type
_entity.pdbx_description
1 polymer 'Neuronal acetylcholine receptor subunit beta-3'
2 non-polymer 2-acetamido-2-deoxy-beta-D-glucopyranose
3 non-polymer BICINE
4 non-polymer 1,2-ETHANEDIOL
5 water water
#
_entity_poly.entity_id   1
_entity_poly.type   'polypeptide(L)'
_entity_poly.pdbx_seq_one_letter_code
;DYKDDDDKIAENEDALLRHLFQGYQKWVRPVLHSNDTIKVYFGLKISQLVDVDEKNQLMTTNVWLKQEWTDHKLRWNPDD
YGGIHSIKVPSESLWLPDIVLFENADGRFEGSLMTKVIVKSNGTVVWTPPASYKSSCTMDVTYFPFDRQNCSMKFGSWTY
DGTMVDLILINENVDRKDFFDNGEWEILNAKGMKGNRRDGVYSYPFITYSFVLRRHHHHHH
;
_entity_poly.pdbx_strand_id   B
#
# COMPACT_ATOMS: atom_id res chain seq x y z
N ILE A 9 19.12 -2.28 -30.78
CA ILE A 9 18.28 -3.28 -30.12
C ILE A 9 16.88 -3.30 -30.71
N ALA A 10 16.22 -4.45 -30.60
CA ALA A 10 14.88 -4.67 -31.12
C ALA A 10 13.97 -5.15 -30.01
N GLU A 11 12.86 -4.43 -29.80
CA GLU A 11 12.02 -4.58 -28.61
C GLU A 11 10.62 -5.03 -29.01
N ASN A 12 10.34 -6.32 -28.81
CA ASN A 12 8.96 -6.77 -28.69
C ASN A 12 8.36 -6.38 -27.34
N GLU A 13 9.09 -5.59 -26.54
CA GLU A 13 8.46 -4.89 -25.45
C GLU A 13 7.28 -4.06 -25.93
N ASP A 14 7.36 -3.53 -27.14
CA ASP A 14 6.24 -2.76 -27.66
C ASP A 14 5.08 -3.66 -28.04
N ALA A 15 5.37 -4.86 -28.55
CA ALA A 15 4.31 -5.80 -28.92
C ALA A 15 3.56 -6.31 -27.69
N LEU A 16 4.31 -6.66 -26.63
CA LEU A 16 3.66 -7.12 -25.39
C LEU A 16 2.72 -6.05 -24.87
N LEU A 17 3.16 -4.79 -24.83
CA LEU A 17 2.33 -3.70 -24.34
C LEU A 17 1.07 -3.52 -25.19
N ARG A 18 1.23 -3.48 -26.52
CA ARG A 18 0.05 -3.37 -27.37
C ARG A 18 -0.87 -4.58 -27.20
N HIS A 19 -0.30 -5.78 -27.06
CA HIS A 19 -1.12 -6.94 -26.78
C HIS A 19 -1.70 -6.91 -25.37
N LEU A 20 -0.98 -6.37 -24.38
CA LEU A 20 -1.48 -6.44 -23.02
C LEU A 20 -2.63 -5.46 -22.77
N PHE A 21 -2.56 -4.25 -23.33
CA PHE A 21 -3.56 -3.24 -23.04
C PHE A 21 -4.55 -3.03 -24.19
N GLN A 22 -4.68 -4.03 -25.06
CA GLN A 22 -5.53 -3.90 -26.24
C GLN A 22 -6.94 -3.47 -25.90
N GLY A 23 -7.71 -4.37 -25.29
CA GLY A 23 -9.02 -4.01 -24.81
C GLY A 23 -9.08 -3.91 -23.29
N TYR A 24 -7.97 -3.56 -22.65
CA TYR A 24 -7.90 -3.48 -21.20
C TYR A 24 -8.82 -2.37 -20.68
N GLN A 25 -9.58 -2.69 -19.66
CA GLN A 25 -10.46 -1.73 -19.00
C GLN A 25 -10.00 -1.60 -17.55
N LYS A 26 -9.36 -0.48 -17.23
CA LYS A 26 -8.82 -0.38 -15.88
C LYS A 26 -9.91 -0.31 -14.82
N TRP A 27 -11.18 -0.15 -15.20
CA TRP A 27 -12.22 -0.06 -14.18
C TRP A 27 -12.86 -1.40 -13.85
N VAL A 28 -12.50 -2.48 -14.54
CA VAL A 28 -13.04 -3.82 -14.24
C VAL A 28 -12.00 -4.56 -13.43
N ARG A 29 -12.41 -5.17 -12.32
CA ARG A 29 -11.47 -5.94 -11.52
C ARG A 29 -10.85 -7.03 -12.39
N PRO A 30 -9.54 -7.18 -12.40
CA PRO A 30 -8.87 -8.12 -13.31
C PRO A 30 -8.85 -9.54 -12.75
N VAL A 31 -10.06 -10.06 -12.44
CA VAL A 31 -10.21 -11.44 -11.98
C VAL A 31 -10.49 -12.32 -13.19
N LEU A 32 -10.29 -13.62 -13.01
CA LEU A 32 -10.71 -14.57 -14.05
C LEU A 32 -12.21 -14.78 -14.02
N HIS A 33 -12.74 -15.18 -12.87
CA HIS A 33 -14.16 -15.41 -12.66
C HIS A 33 -14.73 -14.31 -11.76
N SER A 34 -15.91 -13.83 -12.13
CA SER A 34 -16.47 -12.65 -11.48
C SER A 34 -16.80 -12.89 -10.01
N ASN A 35 -16.85 -14.13 -9.58
CA ASN A 35 -17.05 -14.43 -8.16
C ASN A 35 -15.81 -14.11 -7.34
N ASP A 36 -14.65 -13.97 -7.99
CA ASP A 36 -13.39 -13.89 -7.26
C ASP A 36 -13.17 -12.53 -6.61
N THR A 37 -12.64 -12.57 -5.41
CA THR A 37 -12.02 -11.40 -4.81
C THR A 37 -10.57 -11.34 -5.23
N ILE A 38 -10.06 -10.12 -5.36
CA ILE A 38 -8.63 -9.89 -5.61
C ILE A 38 -7.95 -9.73 -4.25
N LYS A 39 -6.96 -10.57 -3.99
CA LYS A 39 -6.16 -10.46 -2.77
C LYS A 39 -5.02 -9.48 -3.02
N VAL A 40 -4.94 -8.45 -2.16
CA VAL A 40 -3.89 -7.44 -2.22
C VAL A 40 -3.03 -7.63 -1.00
N TYR A 41 -1.79 -8.09 -1.21
CA TYR A 41 -0.84 -8.15 -0.11
C TYR A 41 -0.30 -6.76 0.19
N PHE A 42 -0.29 -6.40 1.48
CA PHE A 42 -0.02 -5.02 1.87
C PHE A 42 1.03 -4.98 2.95
N GLY A 43 1.87 -3.95 2.88
CA GLY A 43 2.84 -3.71 3.92
C GLY A 43 3.19 -2.25 3.93
N LEU A 44 3.47 -1.73 5.12
CA LEU A 44 3.87 -0.34 5.29
C LEU A 44 5.36 -0.27 5.55
N LYS A 45 6.04 0.62 4.84
CA LYS A 45 7.48 0.83 5.03
C LYS A 45 7.67 2.28 5.40
N ILE A 46 8.42 2.54 6.46
CA ILE A 46 8.64 3.91 6.89
C ILE A 46 10.07 4.32 6.56
N SER A 47 10.19 5.45 5.88
CA SER A 47 11.50 6.04 5.56
C SER A 47 11.98 6.92 6.71
N GLN A 48 11.17 7.89 7.12
CA GLN A 48 11.55 8.65 8.29
C GLN A 48 10.33 9.30 8.93
N LEU A 49 10.45 9.53 10.25
CA LEU A 49 9.51 10.35 11.00
C LEU A 49 9.93 11.80 10.77
N VAL A 50 9.12 12.53 9.99
CA VAL A 50 9.51 13.87 9.59
C VAL A 50 9.39 14.85 10.75
N ASP A 51 8.21 14.92 11.35
CA ASP A 51 7.99 15.83 12.46
C ASP A 51 6.86 15.32 13.35
N VAL A 52 7.02 15.50 14.65
CA VAL A 52 6.01 15.22 15.66
C VAL A 52 5.58 16.57 16.20
N ASP A 53 4.49 17.12 15.67
CA ASP A 53 3.92 18.37 16.16
C ASP A 53 3.17 18.09 17.46
N GLU A 54 3.81 18.33 18.60
CA GLU A 54 3.17 18.03 19.89
C GLU A 54 2.04 19.00 20.20
N LYS A 55 1.95 20.14 19.52
CA LYS A 55 0.88 21.10 19.77
C LYS A 55 -0.45 20.59 19.23
N ASN A 56 -0.50 20.32 17.93
CA ASN A 56 -1.70 19.85 17.26
C ASN A 56 -1.82 18.32 17.26
N GLN A 57 -1.02 17.63 18.07
CA GLN A 57 -1.10 16.17 18.21
C GLN A 57 -0.98 15.45 16.88
N LEU A 58 -0.32 16.06 15.89
CA LEU A 58 -0.14 15.49 14.57
C LEU A 58 1.27 14.95 14.38
N MET A 59 1.41 14.12 13.37
CA MET A 59 2.66 13.47 13.02
C MET A 59 2.75 13.43 11.51
N THR A 60 3.91 13.76 10.96
CA THR A 60 4.18 13.66 9.53
C THR A 60 5.25 12.61 9.29
N THR A 61 5.05 11.79 8.26
CA THR A 61 5.92 10.67 7.96
C THR A 61 6.19 10.63 6.46
N ASN A 62 7.31 10.02 6.08
CA ASN A 62 7.56 9.62 4.71
C ASN A 62 7.55 8.09 4.66
N VAL A 63 6.75 7.52 3.76
CA VAL A 63 6.50 6.09 3.77
C VAL A 63 6.37 5.58 2.33
N TRP A 64 6.49 4.27 2.18
CA TRP A 64 6.05 3.59 0.98
C TRP A 64 4.91 2.65 1.36
N LEU A 65 3.91 2.60 0.48
CA LEU A 65 2.78 1.68 0.55
C LEU A 65 3.07 0.47 -0.33
N LYS A 66 3.59 -0.63 0.24
CA LYS A 66 3.90 -1.81 -0.56
C LYS A 66 2.62 -2.59 -0.88
N GLN A 67 2.32 -2.71 -2.18
CA GLN A 67 1.14 -3.42 -2.65
C GLN A 67 1.53 -4.48 -3.67
N GLU A 68 0.90 -5.64 -3.58
CA GLU A 68 1.10 -6.65 -4.60
C GLU A 68 -0.21 -7.44 -4.78
N TRP A 69 -0.53 -7.73 -6.04
CA TRP A 69 -1.75 -8.45 -6.39
C TRP A 69 -1.58 -9.05 -7.78
N THR A 70 -2.57 -9.85 -8.17
CA THR A 70 -2.57 -10.50 -9.48
C THR A 70 -3.59 -9.86 -10.40
N ASP A 71 -3.16 -9.53 -11.60
CA ASP A 71 -4.05 -9.00 -12.63
C ASP A 71 -4.14 -10.09 -13.69
N HIS A 72 -5.25 -10.83 -13.72
CA HIS A 72 -5.27 -12.02 -14.56
C HIS A 72 -5.34 -11.70 -16.03
N LYS A 73 -5.72 -10.46 -16.39
CA LYS A 73 -5.63 -10.05 -17.78
C LYS A 73 -4.20 -9.88 -18.25
N LEU A 74 -3.26 -9.58 -17.35
CA LEU A 74 -1.89 -9.26 -17.75
C LEU A 74 -0.94 -10.44 -17.52
N ARG A 75 -1.20 -11.52 -18.25
CA ARG A 75 -0.47 -12.77 -18.11
C ARG A 75 0.00 -13.21 -19.48
N TRP A 76 1.28 -13.57 -19.61
CA TRP A 76 1.79 -14.01 -20.91
C TRP A 76 2.84 -15.10 -20.71
N ASN A 77 3.10 -15.80 -21.80
CA ASN A 77 4.23 -16.72 -21.83
C ASN A 77 5.47 -15.99 -22.31
N PRO A 78 6.52 -15.90 -21.49
CA PRO A 78 7.74 -15.18 -21.92
C PRO A 78 8.31 -15.71 -23.22
N ASP A 79 8.08 -16.98 -23.54
CA ASP A 79 8.65 -17.54 -24.75
C ASP A 79 8.09 -16.86 -25.99
N ASP A 80 6.89 -16.28 -25.91
CA ASP A 80 6.29 -15.57 -27.04
C ASP A 80 6.79 -14.15 -27.21
N TYR A 81 7.52 -13.63 -26.22
CA TYR A 81 7.90 -12.23 -26.17
C TYR A 81 9.38 -12.13 -25.78
N GLY A 82 10.20 -12.96 -26.41
CA GLY A 82 11.64 -12.87 -26.26
C GLY A 82 12.14 -13.08 -24.87
N GLY A 83 11.43 -13.88 -24.06
CA GLY A 83 11.88 -14.18 -22.72
C GLY A 83 11.62 -13.09 -21.69
N ILE A 84 11.06 -11.94 -22.08
CA ILE A 84 10.58 -11.00 -21.07
C ILE A 84 9.70 -11.74 -20.08
N HIS A 85 10.02 -11.60 -18.79
CA HIS A 85 9.15 -12.07 -17.73
C HIS A 85 8.60 -10.93 -16.87
N SER A 86 9.17 -9.73 -16.95
CA SER A 86 8.67 -8.63 -16.16
C SER A 86 8.77 -7.34 -16.95
N ILE A 87 7.94 -6.36 -16.59
CA ILE A 87 7.94 -5.07 -17.27
C ILE A 87 7.41 -4.00 -16.33
N LYS A 88 7.84 -2.77 -16.57
CA LYS A 88 7.46 -1.61 -15.77
C LYS A 88 6.41 -0.81 -16.54
N VAL A 89 5.28 -0.55 -15.88
CA VAL A 89 4.09 0.03 -16.51
C VAL A 89 3.53 1.14 -15.64
N PRO A 90 3.00 2.21 -16.21
CA PRO A 90 2.50 3.33 -15.39
C PRO A 90 1.26 2.94 -14.61
N SER A 91 1.24 3.30 -13.33
CA SER A 91 0.10 2.97 -12.49
C SER A 91 -1.21 3.51 -13.07
N GLU A 92 -1.13 4.58 -13.87
CA GLU A 92 -2.34 5.18 -14.44
C GLU A 92 -3.01 4.26 -15.46
N SER A 93 -2.36 3.19 -15.90
CA SER A 93 -2.91 2.34 -16.95
C SER A 93 -3.65 1.14 -16.41
N LEU A 94 -3.39 0.80 -15.16
CA LEU A 94 -3.74 -0.45 -14.54
C LEU A 94 -5.00 -0.29 -13.71
N TRP A 95 -5.70 -1.40 -13.49
CA TRP A 95 -6.63 -1.44 -12.37
C TRP A 95 -5.83 -1.41 -11.09
N LEU A 96 -6.27 -0.60 -10.15
CA LEU A 96 -5.65 -0.51 -8.84
C LEU A 96 -6.70 -0.79 -7.76
N PRO A 97 -6.28 -1.37 -6.63
CA PRO A 97 -7.23 -1.60 -5.53
C PRO A 97 -7.58 -0.33 -4.77
N ASP A 98 -6.92 0.78 -5.07
CA ASP A 98 -7.31 2.07 -4.53
C ASP A 98 -7.23 2.09 -3.00
N ILE A 99 -6.10 1.65 -2.47
CA ILE A 99 -5.87 1.67 -1.04
C ILE A 99 -5.43 3.07 -0.64
N VAL A 100 -6.03 3.60 0.43
CA VAL A 100 -5.75 4.96 0.85
C VAL A 100 -5.54 4.96 2.35
N LEU A 101 -4.89 6.02 2.84
CA LEU A 101 -4.86 6.32 4.27
C LEU A 101 -6.16 7.03 4.63
N PHE A 102 -6.84 6.54 5.68
CA PHE A 102 -8.23 6.93 5.90
C PHE A 102 -8.39 8.33 6.46
N GLU A 103 -7.67 8.68 7.53
CA GLU A 103 -7.90 10.01 8.12
C GLU A 103 -7.10 11.03 7.33
N ASN A 104 -7.73 11.52 6.26
CA ASN A 104 -7.10 12.33 5.22
C ASN A 104 -5.95 13.18 5.76
N ALA A 105 -4.82 13.14 5.07
CA ALA A 105 -3.60 13.79 5.53
C ALA A 105 -2.59 13.94 4.40
N SER A 112 -0.23 9.69 -2.00
CA SER A 112 0.05 8.45 -2.73
C SER A 112 0.36 8.76 -4.19
N LEU A 113 1.54 9.34 -4.43
CA LEU A 113 1.97 9.72 -5.77
C LEU A 113 1.94 8.53 -6.73
N MET A 114 1.70 8.83 -8.01
CA MET A 114 1.45 7.79 -9.03
C MET A 114 2.77 7.38 -9.69
N THR A 115 3.46 6.47 -9.02
CA THR A 115 4.73 5.94 -9.47
C THR A 115 4.46 4.92 -10.59
N LYS A 116 5.47 4.19 -11.01
CA LYS A 116 5.22 3.15 -12.00
C LYS A 116 5.09 1.80 -11.32
N VAL A 117 4.42 0.88 -11.99
CA VAL A 117 4.19 -0.44 -11.45
C VAL A 117 5.06 -1.46 -12.20
N ILE A 118 5.37 -2.56 -11.50
CA ILE A 118 6.02 -3.71 -12.12
C ILE A 118 4.97 -4.78 -12.36
N VAL A 119 4.93 -5.33 -13.58
CA VAL A 119 4.01 -6.40 -13.92
C VAL A 119 4.82 -7.60 -14.38
N LYS A 120 4.42 -8.79 -13.94
CA LYS A 120 5.13 -10.01 -14.30
C LYS A 120 4.24 -10.94 -15.14
N SER A 121 4.90 -11.83 -15.90
CA SER A 121 4.21 -12.61 -16.92
C SER A 121 3.14 -13.52 -16.33
N ASN A 122 3.12 -13.71 -15.03
CA ASN A 122 2.11 -14.54 -14.38
C ASN A 122 0.97 -13.73 -13.77
N GLY A 123 0.95 -12.41 -13.97
CA GLY A 123 -0.12 -11.56 -13.46
C GLY A 123 0.24 -10.76 -12.21
N THR A 124 1.30 -11.14 -11.50
CA THR A 124 1.71 -10.39 -10.32
C THR A 124 2.06 -8.95 -10.66
N VAL A 125 1.44 -8.02 -9.93
CA VAL A 125 1.74 -6.60 -10.02
C VAL A 125 2.33 -6.17 -8.69
N VAL A 126 3.47 -5.50 -8.72
CA VAL A 126 4.10 -4.95 -7.54
C VAL A 126 4.07 -3.45 -7.66
N TRP A 127 3.41 -2.79 -6.70
CA TRP A 127 3.38 -1.35 -6.69
C TRP A 127 3.81 -0.86 -5.29
N THR A 128 4.79 0.03 -5.23
CA THR A 128 5.22 0.62 -3.96
C THR A 128 5.28 2.14 -4.08
N PRO A 129 4.15 2.83 -4.20
CA PRO A 129 4.18 4.27 -4.33
C PRO A 129 4.62 4.94 -3.04
N PRO A 130 5.43 6.00 -3.11
CA PRO A 130 5.79 6.76 -1.90
C PRO A 130 4.66 7.69 -1.48
N ALA A 131 4.66 8.05 -0.20
CA ALA A 131 3.66 8.99 0.30
C ALA A 131 4.22 9.79 1.47
N SER A 132 3.67 10.98 1.68
CA SER A 132 3.93 11.80 2.87
C SER A 132 2.61 12.14 3.56
N TYR A 133 2.47 11.73 4.83
CA TYR A 133 1.21 11.86 5.56
C TYR A 133 1.36 12.67 6.84
N LYS A 134 0.27 13.28 7.26
CA LYS A 134 0.16 13.94 8.56
C LYS A 134 -1.06 13.35 9.27
N SER A 135 -0.82 12.43 10.18
CA SER A 135 -1.87 11.70 10.87
C SER A 135 -1.86 12.06 12.36
N SER A 136 -2.93 11.67 13.06
CA SER A 136 -3.16 12.17 14.41
C SER A 136 -2.45 11.32 15.46
N CYS A 137 -2.10 11.97 16.58
CA CYS A 137 -1.39 11.31 17.69
C CYS A 137 -2.12 11.58 19.01
N THR A 138 -1.53 11.04 20.07
CA THR A 138 -2.18 10.93 21.38
C THR A 138 -1.07 10.68 22.40
N MET A 139 -0.75 11.70 23.19
CA MET A 139 0.33 11.55 24.17
C MET A 139 -0.09 10.60 25.28
N ASP A 140 0.79 9.65 25.62
CA ASP A 140 0.46 8.65 26.63
C ASP A 140 0.66 9.28 28.00
N VAL A 141 -0.44 9.39 28.75
CA VAL A 141 -0.43 10.07 30.04
C VAL A 141 -0.02 9.15 31.17
N THR A 142 0.09 7.85 30.89
CA THR A 142 0.49 6.86 31.87
C THR A 142 1.95 6.96 32.27
N TYR A 143 2.80 7.54 31.42
CA TYR A 143 4.23 7.58 31.66
C TYR A 143 4.65 8.98 32.02
N PHE A 144 5.52 9.08 33.03
CA PHE A 144 6.08 10.36 33.45
C PHE A 144 7.60 10.24 33.46
N PRO A 145 8.34 11.21 32.90
CA PRO A 145 7.82 12.38 32.18
C PRO A 145 7.11 11.99 30.89
N PHE A 146 6.47 12.97 30.26
CA PHE A 146 5.52 12.66 29.19
C PHE A 146 6.23 12.62 27.84
N ASP A 147 7.02 11.57 27.66
CA ASP A 147 7.78 11.40 26.44
C ASP A 147 7.31 10.18 25.63
N ARG A 148 6.02 9.87 25.70
CA ARG A 148 5.45 8.84 24.84
C ARG A 148 4.26 9.39 24.07
N GLN A 149 4.11 8.90 22.84
CA GLN A 149 3.01 9.27 21.95
C GLN A 149 2.51 8.05 21.18
N ASN A 150 1.19 7.94 21.05
CA ASN A 150 0.51 6.82 20.40
C ASN A 150 -0.07 7.33 19.08
N CYS A 151 0.47 6.84 17.96
CA CYS A 151 0.07 7.34 16.65
C CYS A 151 -0.34 6.17 15.75
N SER A 152 -1.53 6.27 15.16
CA SER A 152 -2.08 5.20 14.37
C SER A 152 -2.29 5.65 12.93
N MET A 153 -2.00 4.74 12.00
CA MET A 153 -2.23 4.95 10.58
C MET A 153 -3.09 3.80 10.08
N LYS A 154 -4.21 4.11 9.43
CA LYS A 154 -5.22 3.14 9.03
C LYS A 154 -5.40 3.15 7.51
N PHE A 155 -5.19 2.00 6.89
CA PHE A 155 -5.16 1.86 5.45
C PHE A 155 -6.18 0.84 4.98
N GLY A 156 -6.84 1.12 3.87
CA GLY A 156 -7.79 0.18 3.30
C GLY A 156 -8.33 0.71 1.99
N SER A 157 -9.02 -0.16 1.27
CA SER A 157 -9.57 0.25 -0.01
C SER A 157 -10.70 1.25 0.18
N TRP A 158 -10.73 2.26 -0.67
CA TRP A 158 -11.81 3.23 -0.69
C TRP A 158 -13.00 2.72 -1.49
N THR A 159 -12.73 2.05 -2.62
CA THR A 159 -13.75 1.74 -3.61
C THR A 159 -14.34 0.34 -3.47
N TYR A 160 -13.63 -0.60 -2.88
CA TYR A 160 -14.00 -2.00 -2.97
C TYR A 160 -14.19 -2.55 -1.57
N ASP A 161 -15.33 -3.21 -1.35
CA ASP A 161 -15.60 -3.88 -0.10
C ASP A 161 -14.88 -5.23 -0.06
N GLY A 162 -14.96 -5.93 1.08
CA GLY A 162 -14.29 -7.21 1.19
C GLY A 162 -14.78 -8.25 0.20
N THR A 163 -15.92 -8.02 -0.45
CA THR A 163 -16.36 -8.93 -1.49
C THR A 163 -15.41 -8.91 -2.68
N MET A 164 -14.75 -7.78 -2.91
CA MET A 164 -14.05 -7.52 -4.14
C MET A 164 -12.57 -7.33 -3.95
N VAL A 165 -12.14 -6.82 -2.81
CA VAL A 165 -10.75 -6.75 -2.46
C VAL A 165 -10.62 -7.23 -1.03
N ASP A 166 -9.79 -8.25 -0.82
CA ASP A 166 -9.39 -8.62 0.54
C ASP A 166 -7.94 -8.20 0.78
N LEU A 167 -7.68 -7.59 1.94
CA LEU A 167 -6.34 -7.16 2.34
C LEU A 167 -5.63 -8.27 3.08
N ILE A 168 -4.39 -8.57 2.67
CA ILE A 168 -3.54 -9.47 3.42
C ILE A 168 -2.34 -8.70 3.96
N LEU A 169 -2.18 -8.74 5.28
CA LEU A 169 -1.12 -8.03 5.99
C LEU A 169 0.16 -8.85 5.95
N ILE A 170 1.19 -8.34 5.27
CA ILE A 170 2.32 -9.21 4.98
C ILE A 170 3.24 -9.35 6.18
N ASN A 171 3.18 -8.42 7.13
CA ASN A 171 4.10 -8.52 8.24
C ASN A 171 3.49 -7.81 9.44
N GLU A 172 3.70 -8.40 10.62
CA GLU A 172 3.18 -7.79 11.82
C GLU A 172 3.83 -6.45 12.07
N ASN A 173 5.03 -6.25 11.54
CA ASN A 173 5.87 -5.09 11.81
C ASN A 173 5.93 -4.18 10.60
N VAL A 174 5.98 -2.88 10.87
CA VAL A 174 6.27 -1.92 9.82
C VAL A 174 7.70 -2.13 9.34
N ASP A 175 7.88 -2.05 8.03
CA ASP A 175 9.21 -2.17 7.43
C ASP A 175 10.05 -0.94 7.74
N ARG A 176 11.20 -1.14 8.41
CA ARG A 176 12.00 -0.03 8.89
C ARG A 176 13.47 -0.14 8.54
N LYS A 177 13.87 -1.10 7.71
CA LYS A 177 15.29 -1.30 7.48
C LYS A 177 15.97 -0.02 6.99
N ASP A 178 15.26 0.76 6.16
CA ASP A 178 15.76 2.01 5.61
C ASP A 178 15.23 3.23 6.35
N PHE A 179 14.96 3.10 7.63
CA PHE A 179 14.40 4.22 8.39
C PHE A 179 15.51 5.15 8.87
N PHE A 180 15.23 6.45 8.87
CA PHE A 180 16.15 7.47 9.32
C PHE A 180 15.74 7.87 10.73
N ASP A 181 16.59 7.56 11.71
CA ASP A 181 16.33 8.03 13.06
C ASP A 181 16.52 9.53 13.07
N ASN A 182 15.44 10.27 13.34
CA ASN A 182 15.53 11.71 13.53
C ASN A 182 15.85 12.00 14.98
N GLY A 183 16.70 13.01 15.19
CA GLY A 183 17.25 13.24 16.51
C GLY A 183 16.21 13.30 17.63
N GLU A 184 15.01 13.75 17.31
CA GLU A 184 14.08 14.20 18.35
C GLU A 184 13.08 13.15 18.83
N TRP A 185 12.85 12.08 18.07
CA TRP A 185 11.96 11.02 18.54
C TRP A 185 12.50 9.66 18.10
N GLU A 186 12.12 8.63 18.86
CA GLU A 186 12.51 7.26 18.60
C GLU A 186 11.27 6.38 18.50
N ILE A 187 11.31 5.38 17.60
CA ILE A 187 10.16 4.50 17.36
C ILE A 187 10.25 3.31 18.32
N LEU A 188 9.44 3.32 19.36
CA LEU A 188 9.48 2.22 20.31
C LEU A 188 8.88 0.96 19.72
N ASN A 189 7.74 1.09 19.04
CA ASN A 189 7.10 -0.05 18.41
C ASN A 189 6.23 0.43 17.26
N ALA A 190 6.00 -0.47 16.30
CA ALA A 190 5.19 -0.14 15.12
C ALA A 190 4.66 -1.45 14.55
N LYS A 191 3.45 -1.82 14.95
CA LYS A 191 2.88 -3.10 14.57
C LYS A 191 1.56 -2.90 13.85
N GLY A 192 1.30 -3.74 12.86
CA GLY A 192 0.09 -3.69 12.07
C GLY A 192 -0.87 -4.76 12.52
N MET A 193 -2.16 -4.48 12.39
CA MET A 193 -3.17 -5.47 12.70
C MET A 193 -4.35 -5.28 11.78
N LYS A 194 -4.98 -6.38 11.40
CA LYS A 194 -6.09 -6.32 10.46
C LYS A 194 -7.40 -6.12 11.19
N GLY A 195 -8.22 -5.20 10.67
CA GLY A 195 -9.61 -5.07 11.09
C GLY A 195 -10.50 -5.24 9.87
N ASN A 196 -11.80 -5.35 10.10
CA ASN A 196 -12.70 -5.56 8.97
C ASN A 196 -14.01 -4.82 9.24
N ARG A 197 -13.88 -3.57 9.64
CA ARG A 197 -15.00 -2.83 10.20
C ARG A 197 -15.19 -1.56 9.39
N ARG A 198 -16.37 -1.39 8.79
CA ARG A 198 -16.72 -0.09 8.22
C ARG A 198 -18.23 0.04 8.15
N ASP A 199 -18.67 1.23 7.77
CA ASP A 199 -20.08 1.62 7.88
C ASP A 199 -20.87 1.25 6.62
N GLY A 200 -22.14 0.88 6.85
CA GLY A 200 -23.11 0.60 5.81
C GLY A 200 -23.69 -0.81 5.84
N VAL A 201 -24.20 -1.27 4.70
CA VAL A 201 -24.49 -2.69 4.49
C VAL A 201 -23.32 -3.35 3.75
N TYR A 202 -22.08 -2.86 3.99
CA TYR A 202 -20.90 -3.39 3.32
C TYR A 202 -19.78 -3.62 4.33
N SER A 203 -19.08 -4.74 4.19
CA SER A 203 -17.83 -4.99 4.91
C SER A 203 -16.64 -4.42 4.16
N TYR A 204 -15.74 -3.77 4.89
CA TYR A 204 -14.53 -3.17 4.31
C TYR A 204 -13.32 -3.53 5.15
N PRO A 205 -12.41 -4.39 4.68
CA PRO A 205 -11.21 -4.69 5.47
C PRO A 205 -10.23 -3.53 5.48
N PHE A 206 -9.50 -3.39 6.58
CA PHE A 206 -8.51 -2.32 6.70
C PHE A 206 -7.38 -2.84 7.56
N ILE A 207 -6.25 -2.10 7.56
CA ILE A 207 -5.08 -2.41 8.37
C ILE A 207 -4.73 -1.21 9.23
N THR A 208 -4.67 -1.40 10.55
CA THR A 208 -4.27 -0.34 11.46
C THR A 208 -2.84 -0.59 11.93
N TYR A 209 -1.99 0.42 11.77
CA TYR A 209 -0.62 0.44 12.25
C TYR A 209 -0.57 1.34 13.48
N SER A 210 0.00 0.84 14.57
CA SER A 210 0.07 1.56 15.82
C SER A 210 1.52 1.90 16.13
N PHE A 211 1.81 3.20 16.24
CA PHE A 211 3.17 3.68 16.53
C PHE A 211 3.26 4.12 17.98
N VAL A 212 4.32 3.69 18.65
CA VAL A 212 4.68 4.22 19.97
C VAL A 212 5.98 5.01 19.80
N LEU A 213 5.91 6.32 20.01
CA LEU A 213 7.06 7.21 19.85
C LEU A 213 7.57 7.70 21.21
N ARG A 214 8.89 7.70 21.38
CA ARG A 214 9.52 8.08 22.65
C ARG A 214 10.23 9.43 22.53
N ARG A 215 10.28 10.14 23.65
CA ARG A 215 10.88 11.48 23.79
C ARG A 215 10.04 12.52 23.07
#